data_2OL0
#
_entry.id   2OL0
#
_cell.length_a   119.660
_cell.length_b   119.660
_cell.length_c   50.160
_cell.angle_alpha   90.00
_cell.angle_beta   90.00
_cell.angle_gamma   120.00
#
_symmetry.space_group_name_H-M   'P 65'
#
loop_
_entity.id
_entity.type
_entity.pdbx_description
1 polymer "Deoxyuridine 5'-triphosphate nucleotidohydrolase"
2 non-polymer 'CHLORIDE ION'
3 non-polymer 'MAGNESIUM ION'
4 non-polymer "DEOXYURIDINE-5'-DIPHOSPHATE"
5 non-polymer 1,2-ETHANEDIOL
6 water water
#
_entity_poly.entity_id   1
_entity_poly.type   'polypeptide(L)'
_entity_poly.pdbx_seq_one_letter_code
;MFNMNINSPVRFVKETNRAKSPTRQSPGAAGYDLYSAYDYTIPPGERQLIKTDISMSMPKFCYGRIAPRSGLSLKGIDIG
GGVIDEDYRGNIGVILINNGKCTFNVNTGDRIAQLIYQRIYYPELEEVQSLDSTNRGDQGFGSTGLR
;
_entity_poly.pdbx_strand_id   A,B,C
#
loop_
_chem_comp.id
_chem_comp.type
_chem_comp.name
_chem_comp.formula
CL non-polymer 'CHLORIDE ION' 'Cl -1'
DUD non-polymer DEOXYURIDINE-5'-DIPHOSPHATE 'C9 H14 N2 O11 P2'
EDO non-polymer 1,2-ETHANEDIOL 'C2 H6 O2'
MG non-polymer 'MAGNESIUM ION' 'Mg 2'
#
# COMPACT_ATOMS: atom_id res chain seq x y z
N SER A 8 2.03 -8.25 25.76
CA SER A 8 3.25 -8.19 24.90
C SER A 8 3.34 -6.87 24.12
N PRO A 9 3.46 -5.74 24.84
CA PRO A 9 3.40 -4.41 24.21
C PRO A 9 4.53 -4.12 23.22
N VAL A 10 4.29 -3.20 22.31
CA VAL A 10 5.36 -2.63 21.50
C VAL A 10 5.99 -1.49 22.29
N ARG A 11 7.27 -1.65 22.62
CA ARG A 11 8.03 -0.62 23.30
C ARG A 11 8.44 0.43 22.29
N PHE A 12 8.37 1.69 22.69
CA PHE A 12 8.83 2.79 21.83
C PHE A 12 9.64 3.80 22.63
N VAL A 13 10.46 4.59 21.94
CA VAL A 13 11.28 5.62 22.57
C VAL A 13 11.09 6.93 21.82
N LYS A 14 10.99 8.02 22.56
CA LYS A 14 11.03 9.37 22.00
C LYS A 14 12.48 9.83 21.93
N GLU A 15 12.95 10.13 20.72
CA GLU A 15 14.32 10.60 20.51
C GLU A 15 14.53 12.01 21.08
N THR A 16 13.52 12.87 20.90
CA THR A 16 13.46 14.17 21.58
C THR A 16 12.12 14.30 22.30
N ASN A 17 11.93 15.41 23.02
CA ASN A 17 10.67 15.70 23.70
C ASN A 17 9.60 16.27 22.76
N ARG A 18 9.98 16.46 21.49
CA ARG A 18 9.08 16.93 20.43
C ARG A 18 8.20 15.81 19.88
N ALA A 19 8.59 14.57 20.11
CA ALA A 19 7.82 13.42 19.68
C ALA A 19 6.49 13.32 20.42
N LYS A 20 5.45 12.91 19.68
CA LYS A 20 4.15 12.58 20.25
C LYS A 20 3.96 11.08 20.24
N SER A 21 3.65 10.52 21.41
CA SER A 21 3.26 9.13 21.52
C SER A 21 2.14 8.85 20.51
N PRO A 22 2.33 7.86 19.63
CA PRO A 22 1.29 7.50 18.66
C PRO A 22 -0.02 7.17 19.37
N THR A 23 -1.12 7.65 18.80
CA THR A 23 -2.43 7.56 19.44
C THR A 23 -3.33 6.53 18.75
N ARG A 24 -4.26 5.97 19.51
CA ARG A 24 -5.32 5.16 18.94
C ARG A 24 -6.65 5.55 19.56
N GLN A 25 -7.62 5.88 18.71
CA GLN A 25 -8.85 6.55 19.14
C GLN A 25 -10.03 5.62 19.36
N SER A 26 -10.08 4.53 18.60
CA SER A 26 -11.18 3.58 18.71
C SER A 26 -10.73 2.13 18.55
N PRO A 27 -11.54 1.17 19.06
CA PRO A 27 -11.27 -0.25 18.94
C PRO A 27 -11.15 -0.78 17.53
N GLY A 28 -11.75 -0.09 16.58
CA GLY A 28 -11.75 -0.53 15.20
C GLY A 28 -10.92 0.31 14.25
N ALA A 29 -10.10 1.21 14.78
CA ALA A 29 -9.13 1.96 13.98
C ALA A 29 -8.08 1.00 13.44
N ALA A 30 -7.66 1.20 12.20
CA ALA A 30 -6.68 0.30 11.57
C ALA A 30 -5.31 0.36 12.26
N GLY A 31 -4.91 1.55 12.72
CA GLY A 31 -3.59 1.71 13.27
C GLY A 31 -3.43 2.74 14.35
N TYR A 32 -2.27 3.42 14.31
CA TYR A 32 -1.89 4.39 15.31
C TYR A 32 -1.49 5.70 14.63
N ASP A 33 -2.03 6.81 15.09
CA ASP A 33 -1.74 8.13 14.50
C ASP A 33 -0.27 8.48 14.68
N LEU A 34 0.37 8.99 13.63
CA LEU A 34 1.73 9.51 13.73
C LEU A 34 1.73 11.02 13.59
N TYR A 35 2.69 11.68 14.24
CA TYR A 35 2.73 13.13 14.33
C TYR A 35 4.10 13.65 13.97
N SER A 36 4.13 14.81 13.31
CA SER A 36 5.40 15.45 13.02
C SER A 36 6.05 15.93 14.32
N ALA A 37 7.36 15.76 14.41
CA ALA A 37 8.14 16.31 15.51
C ALA A 37 8.76 17.65 15.14
N TYR A 38 8.65 18.05 13.87
CA TYR A 38 9.27 19.29 13.37
C TYR A 38 8.37 20.06 12.41
N ASP A 39 8.74 21.30 12.11
CA ASP A 39 8.06 22.13 11.12
C ASP A 39 8.69 21.94 9.76
N TYR A 40 7.84 21.71 8.75
CA TYR A 40 8.31 21.57 7.38
C TYR A 40 7.41 22.37 6.44
N THR A 41 7.95 22.65 5.25
CA THR A 41 7.17 23.22 4.15
C THR A 41 7.43 22.38 2.89
N ILE A 42 6.35 21.88 2.29
CA ILE A 42 6.48 21.08 1.07
C ILE A 42 5.86 21.78 -0.14
N PRO A 43 6.69 22.24 -1.09
CA PRO A 43 6.19 22.87 -2.31
C PRO A 43 5.38 21.88 -3.16
N PRO A 44 4.58 22.37 -4.11
CA PRO A 44 3.82 21.46 -4.96
C PRO A 44 4.77 20.64 -5.84
N GLY A 45 4.46 19.36 -6.00
CA GLY A 45 5.26 18.47 -6.84
C GLY A 45 6.56 18.00 -6.21
N GLU A 46 6.75 18.30 -4.93
CA GLU A 46 7.92 17.86 -4.18
C GLU A 46 7.51 16.92 -3.05
N ARG A 47 8.49 16.24 -2.44
CA ARG A 47 8.26 15.40 -1.27
C ARG A 47 9.24 15.71 -0.16
N GLN A 48 8.91 15.28 1.06
CA GLN A 48 9.73 15.59 2.23
C GLN A 48 9.65 14.47 3.28
N LEU A 49 10.81 14.01 3.74
CA LEU A 49 10.88 13.11 4.88
C LEU A 49 10.50 13.85 6.17
N ILE A 50 9.46 13.39 6.83
CA ILE A 50 8.98 13.97 8.09
C ILE A 50 9.41 13.08 9.26
N LYS A 51 10.24 13.63 10.14
CA LYS A 51 10.70 12.92 11.34
C LYS A 51 9.61 12.90 12.41
N THR A 52 9.33 11.71 12.96
CA THR A 52 8.39 11.57 14.08
C THR A 52 9.11 11.56 15.42
N ASP A 53 10.43 11.30 15.39
CA ASP A 53 11.26 11.13 16.59
C ASP A 53 10.78 9.97 17.47
N ILE A 54 10.08 9.03 16.86
CA ILE A 54 9.66 7.79 17.50
C ILE A 54 10.44 6.63 16.90
N SER A 55 10.95 5.76 17.77
CA SER A 55 11.55 4.49 17.37
C SER A 55 10.82 3.39 18.13
N MET A 56 10.73 2.20 17.55
CA MET A 56 9.94 1.12 18.11
C MET A 56 10.67 -0.20 17.98
N SER A 57 10.55 -1.07 18.99
CA SER A 57 10.92 -2.46 18.80
C SER A 57 9.66 -3.18 18.35
N MET A 58 9.59 -3.36 17.03
CA MET A 58 8.41 -3.81 16.31
C MET A 58 8.04 -5.28 16.58
N PRO A 59 6.73 -5.62 16.46
CA PRO A 59 6.32 -7.00 16.67
C PRO A 59 6.87 -7.96 15.61
N LYS A 60 6.92 -9.24 15.97
CA LYS A 60 7.42 -10.29 15.09
C LYS A 60 6.39 -10.67 14.04
N PHE A 61 6.88 -11.01 12.85
CA PHE A 61 6.05 -11.43 11.71
C PHE A 61 5.04 -10.37 11.28
N CYS A 62 5.53 -9.14 11.30
CA CYS A 62 4.73 -7.96 11.04
C CYS A 62 5.65 -6.94 10.38
N TYR A 63 5.06 -5.96 9.71
CA TYR A 63 5.78 -4.74 9.37
C TYR A 63 4.85 -3.55 9.61
N GLY A 64 5.42 -2.41 9.94
CA GLY A 64 4.62 -1.19 10.11
C GLY A 64 4.45 -0.51 8.77
N ARG A 65 3.21 -0.43 8.29
CA ARG A 65 2.92 0.32 7.07
C ARG A 65 2.57 1.75 7.42
N ILE A 66 3.35 2.69 6.88
CA ILE A 66 2.99 4.10 6.93
C ILE A 66 1.91 4.29 5.88
N ALA A 67 0.67 4.47 6.33
CA ALA A 67 -0.50 4.54 5.46
C ALA A 67 -1.10 5.93 5.51
N PRO A 68 -1.70 6.40 4.39
CA PRO A 68 -2.21 7.77 4.36
C PRO A 68 -3.42 8.03 5.24
N ARG A 69 -3.53 9.28 5.68
CA ARG A 69 -4.76 9.80 6.26
C ARG A 69 -5.67 10.21 5.12
N SER A 70 -6.96 9.96 5.29
CA SER A 70 -7.98 10.19 4.27
C SER A 70 -8.11 11.67 3.88
N GLY A 71 -8.22 12.53 4.89
CA GLY A 71 -8.34 13.97 4.68
C GLY A 71 -7.19 14.53 3.86
N LEU A 72 -5.97 14.14 4.23
CA LEU A 72 -4.76 14.58 3.53
C LEU A 72 -4.67 14.04 2.09
N SER A 73 -4.98 12.76 1.92
CA SER A 73 -5.07 12.14 0.59
C SER A 73 -5.99 12.92 -0.34
N LEU A 74 -7.09 13.43 0.20
CA LEU A 74 -8.05 14.23 -0.57
C LEU A 74 -7.50 15.62 -0.93
N LYS A 75 -6.53 16.09 -0.14
CA LYS A 75 -5.84 17.36 -0.39
C LYS A 75 -4.66 17.17 -1.33
N GLY A 76 -4.48 15.96 -1.84
CA GLY A 76 -3.41 15.68 -2.79
C GLY A 76 -2.11 15.23 -2.13
N ILE A 77 -2.18 14.92 -0.84
CA ILE A 77 -1.01 14.48 -0.07
C ILE A 77 -0.94 12.96 -0.04
N ASP A 78 0.09 12.42 -0.68
CA ASP A 78 0.24 10.98 -0.81
C ASP A 78 1.45 10.52 0.01
N ILE A 79 1.61 9.21 0.16
CA ILE A 79 2.70 8.64 0.96
C ILE A 79 3.72 7.88 0.10
N GLY A 80 4.99 8.20 0.27
CA GLY A 80 6.09 7.44 -0.34
C GLY A 80 6.67 6.41 0.61
N GLY A 81 7.45 5.47 0.06
CA GLY A 81 8.07 4.40 0.85
C GLY A 81 7.04 3.75 1.76
N GLY A 82 7.27 3.84 3.06
CA GLY A 82 6.27 3.42 4.03
C GLY A 82 6.40 2.04 4.65
N VAL A 83 7.43 1.28 4.28
CA VAL A 83 7.66 -0.05 4.87
C VAL A 83 8.58 0.04 6.09
N ILE A 84 8.01 -0.10 7.28
CA ILE A 84 8.82 -0.14 8.48
C ILE A 84 9.09 -1.59 8.84
N ASP A 85 10.32 -2.03 8.60
CA ASP A 85 10.70 -3.40 8.90
C ASP A 85 10.66 -3.69 10.38
N GLU A 86 10.26 -4.91 10.69
CA GLU A 86 10.27 -5.47 12.05
C GLU A 86 11.59 -5.21 12.78
N ASP A 87 12.72 -5.26 12.06
CA ASP A 87 14.01 -5.03 12.70
C ASP A 87 14.49 -3.55 12.73
N TYR A 88 13.66 -2.63 12.25
CA TYR A 88 14.00 -1.20 12.29
C TYR A 88 13.93 -0.60 13.69
N ARG A 89 15.07 -0.14 14.20
CA ARG A 89 15.16 0.49 15.52
C ARG A 89 15.40 2.00 15.45
N GLY A 90 15.43 2.55 14.23
CA GLY A 90 15.67 3.98 14.03
C GLY A 90 14.46 4.88 14.09
N ASN A 91 14.68 6.16 13.82
CA ASN A 91 13.64 7.18 13.71
C ASN A 91 12.65 6.84 12.60
N ILE A 92 11.36 6.72 12.95
CA ILE A 92 10.33 6.42 11.96
C ILE A 92 9.95 7.66 11.15
N GLY A 93 10.26 7.62 9.85
CA GLY A 93 10.00 8.75 8.97
C GLY A 93 8.79 8.54 8.08
N VAL A 94 8.07 9.62 7.83
CA VAL A 94 6.92 9.62 6.93
C VAL A 94 7.31 10.45 5.71
N ILE A 95 7.32 9.82 4.53
CA ILE A 95 7.55 10.55 3.30
C ILE A 95 6.22 11.05 2.78
N LEU A 96 5.97 12.34 2.97
CA LEU A 96 4.77 13.00 2.48
C LEU A 96 5.03 13.56 1.09
N ILE A 97 4.22 13.16 0.14
CA ILE A 97 4.33 13.64 -1.24
C ILE A 97 3.22 14.63 -1.52
N ASN A 98 3.60 15.85 -1.87
CA ASN A 98 2.63 16.88 -2.20
C ASN A 98 2.27 16.87 -3.68
N ASN A 99 1.23 16.12 -4.02
CA ASN A 99 0.74 16.06 -5.39
C ASN A 99 -0.45 16.99 -5.58
N GLY A 100 -0.53 18.00 -4.71
CA GLY A 100 -1.51 19.07 -4.84
C GLY A 100 -0.94 20.21 -5.64
N LYS A 101 -1.75 21.25 -5.85
CA LYS A 101 -1.33 22.42 -6.63
C LYS A 101 -0.70 23.52 -5.76
N CYS A 102 -0.92 23.44 -4.45
CA CYS A 102 -0.40 24.46 -3.54
C CYS A 102 0.60 23.90 -2.53
N THR A 103 1.39 24.79 -1.93
CA THR A 103 2.32 24.46 -0.86
C THR A 103 1.58 23.84 0.34
N PHE A 104 2.18 22.79 0.91
CA PHE A 104 1.64 22.12 2.09
C PHE A 104 2.53 22.31 3.32
N ASN A 105 1.97 22.89 4.38
CA ASN A 105 2.72 23.11 5.62
C ASN A 105 2.55 22.01 6.65
N VAL A 106 3.67 21.66 7.29
CA VAL A 106 3.67 20.68 8.38
C VAL A 106 4.19 21.34 9.65
N ASN A 107 3.32 21.42 10.66
CA ASN A 107 3.67 21.98 11.96
C ASN A 107 3.91 20.88 12.98
N THR A 108 4.82 21.12 13.92
CA THR A 108 5.09 20.19 15.01
C THR A 108 3.80 19.81 15.71
N GLY A 109 3.56 18.51 15.84
CA GLY A 109 2.35 17.98 16.47
C GLY A 109 1.20 17.71 15.53
N ASP A 110 1.38 18.01 14.24
CA ASP A 110 0.38 17.69 13.22
C ASP A 110 0.33 16.18 12.97
N ARG A 111 -0.89 15.66 12.82
CA ARG A 111 -1.12 14.29 12.40
C ARG A 111 -0.79 14.18 10.91
N ILE A 112 0.02 13.19 10.55
CA ILE A 112 0.56 13.11 9.19
C ILE A 112 0.33 11.74 8.53
N ALA A 113 0.04 10.73 9.35
CA ALA A 113 -0.12 9.36 8.86
C ALA A 113 -0.68 8.47 9.96
N GLN A 114 -0.97 7.22 9.59
CA GLN A 114 -1.30 6.18 10.55
C GLN A 114 -0.31 5.02 10.34
N LEU A 115 0.13 4.43 11.43
CA LEU A 115 0.97 3.25 11.37
C LEU A 115 0.09 2.01 11.56
N ILE A 116 0.18 1.09 10.61
CA ILE A 116 -0.62 -0.14 10.64
C ILE A 116 0.29 -1.38 10.75
N TYR A 117 0.05 -2.18 11.79
CA TYR A 117 0.85 -3.37 12.00
C TYR A 117 0.28 -4.53 11.19
N GLN A 118 0.88 -4.74 10.04
CA GLN A 118 0.36 -5.63 9.04
C GLN A 118 1.00 -6.99 9.16
N ARG A 119 0.17 -8.02 9.33
CA ARG A 119 0.66 -9.38 9.51
C ARG A 119 1.16 -9.91 8.19
N ILE A 120 2.37 -10.47 8.21
CA ILE A 120 3.02 -10.97 7.01
C ILE A 120 3.65 -12.35 7.21
N TYR A 121 4.10 -12.94 6.11
CA TYR A 121 4.63 -14.29 6.10
C TYR A 121 6.10 -14.24 5.64
N TYR A 122 6.94 -15.11 6.18
CA TYR A 122 8.36 -15.18 5.79
C TYR A 122 8.74 -16.54 5.23
N PRO A 123 8.24 -16.90 4.01
CA PRO A 123 8.53 -18.23 3.48
C PRO A 123 9.97 -18.37 3.02
N GLU A 124 10.50 -19.58 3.12
CA GLU A 124 11.72 -19.93 2.43
C GLU A 124 11.38 -20.08 0.94
N LEU A 125 12.24 -19.58 0.07
CA LEU A 125 12.00 -19.69 -1.36
C LEU A 125 12.90 -20.75 -1.96
N GLU A 126 12.33 -21.61 -2.80
CA GLU A 126 13.14 -22.54 -3.57
C GLU A 126 12.80 -22.51 -5.05
N GLU A 127 13.84 -22.39 -5.87
CA GLU A 127 13.68 -22.41 -7.32
C GLU A 127 13.32 -23.81 -7.82
N VAL A 128 12.28 -23.87 -8.63
CA VAL A 128 11.87 -25.11 -9.29
C VAL A 128 11.96 -24.95 -10.82
N GLN A 129 11.95 -26.06 -11.54
CA GLN A 129 11.98 -26.07 -13.01
C GLN A 129 10.69 -25.52 -13.63
N SER A 130 9.54 -25.83 -13.02
CA SER A 130 8.24 -25.31 -13.46
C SER A 130 7.22 -25.30 -12.30
N LEU A 131 6.16 -24.51 -12.46
CA LEU A 131 5.11 -24.40 -11.43
C LEU A 131 3.87 -25.23 -11.76
N SER B 8 -16.45 -15.60 10.23
CA SER B 8 -17.38 -14.45 10.07
C SER B 8 -17.56 -14.06 8.59
N PRO B 9 -18.83 -13.98 8.13
CA PRO B 9 -19.16 -13.38 6.84
C PRO B 9 -19.27 -11.86 6.95
N VAL B 10 -18.83 -11.15 5.92
CA VAL B 10 -18.97 -9.71 5.89
C VAL B 10 -20.36 -9.31 5.39
N ARG B 11 -21.12 -8.67 6.27
CA ARG B 11 -22.42 -8.09 5.91
C ARG B 11 -22.23 -6.76 5.18
N PHE B 12 -22.92 -6.58 4.05
CA PHE B 12 -22.84 -5.32 3.29
C PHE B 12 -24.20 -4.77 2.81
N VAL B 13 -24.26 -3.45 2.66
CA VAL B 13 -25.49 -2.75 2.27
C VAL B 13 -25.28 -1.94 1.00
N LYS B 14 -26.22 -2.04 0.07
CA LYS B 14 -26.27 -1.14 -1.08
C LYS B 14 -27.07 0.10 -0.67
N GLU B 15 -26.43 1.27 -0.75
CA GLU B 15 -27.10 2.53 -0.36
C GLU B 15 -28.13 2.94 -1.40
N THR B 16 -27.81 2.69 -2.67
CA THR B 16 -28.72 2.86 -3.77
C THR B 16 -28.68 1.60 -4.64
N ASN B 17 -29.63 1.47 -5.55
CA ASN B 17 -29.65 0.33 -6.50
C ASN B 17 -28.59 0.45 -7.60
N ARG B 18 -27.80 1.54 -7.55
CA ARG B 18 -26.71 1.78 -8.47
C ARG B 18 -25.45 1.03 -8.02
N ALA B 19 -25.44 0.58 -6.77
CA ALA B 19 -24.34 -0.18 -6.20
C ALA B 19 -24.28 -1.60 -6.77
N LYS B 20 -23.05 -2.12 -6.90
CA LYS B 20 -22.85 -3.50 -7.35
C LYS B 20 -22.14 -4.31 -6.27
N SER B 21 -22.54 -5.57 -6.11
CA SER B 21 -21.92 -6.45 -5.12
C SER B 21 -20.43 -6.64 -5.43
N PRO B 22 -19.57 -6.47 -4.40
CA PRO B 22 -18.15 -6.79 -4.57
C PRO B 22 -17.94 -8.30 -4.66
N THR B 23 -17.21 -8.73 -5.69
CA THR B 23 -16.90 -10.14 -5.93
C THR B 23 -15.42 -10.37 -6.22
N ARG B 24 -14.96 -11.59 -5.95
CA ARG B 24 -13.64 -12.04 -6.37
C ARG B 24 -13.71 -12.72 -7.73
N GLN B 25 -12.77 -12.39 -8.61
CA GLN B 25 -12.76 -12.94 -9.97
C GLN B 25 -12.37 -14.41 -10.04
N SER B 26 -11.60 -14.87 -9.05
CA SER B 26 -11.21 -16.28 -8.94
C SER B 26 -11.00 -16.64 -7.47
N PRO B 27 -10.95 -17.96 -7.15
CA PRO B 27 -10.69 -18.39 -5.76
C PRO B 27 -9.30 -18.02 -5.21
N GLY B 28 -8.38 -17.61 -6.09
CA GLY B 28 -7.05 -17.17 -5.66
C GLY B 28 -6.83 -15.67 -5.83
N ALA B 29 -7.90 -14.92 -6.09
CA ALA B 29 -7.81 -13.46 -6.22
C ALA B 29 -7.74 -12.83 -4.84
N ALA B 30 -6.89 -11.80 -4.71
CA ALA B 30 -6.64 -11.11 -3.44
C ALA B 30 -7.77 -10.17 -3.05
N GLY B 31 -8.39 -9.59 -4.07
CA GLY B 31 -9.34 -8.52 -3.84
C GLY B 31 -10.73 -8.79 -4.34
N TYR B 32 -11.69 -8.15 -3.67
CA TYR B 32 -13.07 -8.10 -4.08
C TYR B 32 -13.23 -6.82 -4.88
N ASP B 33 -13.69 -6.95 -6.11
CA ASP B 33 -13.79 -5.83 -7.03
C ASP B 33 -14.78 -4.77 -6.57
N LEU B 34 -14.38 -3.52 -6.71
CA LEU B 34 -15.23 -2.40 -6.36
C LEU B 34 -15.58 -1.66 -7.64
N TYR B 35 -16.81 -1.14 -7.67
CA TYR B 35 -17.36 -0.50 -8.84
C TYR B 35 -17.86 0.90 -8.50
N SER B 36 -17.73 1.81 -9.47
CA SER B 36 -18.28 3.17 -9.36
C SER B 36 -19.79 3.13 -9.46
N ALA B 37 -20.47 3.80 -8.54
CA ALA B 37 -21.93 3.91 -8.59
C ALA B 37 -22.40 5.16 -9.35
N TYR B 38 -21.47 5.98 -9.82
CA TYR B 38 -21.79 7.21 -10.55
C TYR B 38 -20.85 7.53 -11.72
N ASP B 39 -21.23 8.50 -12.55
CA ASP B 39 -20.36 8.98 -13.62
C ASP B 39 -19.37 9.99 -13.09
N TYR B 40 -18.10 9.83 -13.48
CA TYR B 40 -17.04 10.75 -13.10
C TYR B 40 -16.14 11.04 -14.29
N THR B 41 -15.48 12.19 -14.23
CA THR B 41 -14.49 12.62 -15.21
C THR B 41 -13.28 13.16 -14.44
N ILE B 42 -12.13 12.53 -14.60
CA ILE B 42 -10.93 12.95 -13.87
C ILE B 42 -9.91 13.52 -14.86
N PRO B 43 -9.59 14.83 -14.73
CA PRO B 43 -8.56 15.45 -15.57
C PRO B 43 -7.17 14.93 -15.23
N PRO B 44 -6.21 15.08 -16.17
CA PRO B 44 -4.83 14.65 -15.89
C PRO B 44 -4.23 15.43 -14.71
N GLY B 45 -3.51 14.74 -13.84
CA GLY B 45 -2.88 15.37 -12.68
C GLY B 45 -3.87 15.74 -11.59
N GLU B 46 -5.04 15.10 -11.61
CA GLU B 46 -6.08 15.34 -10.62
C GLU B 46 -6.54 14.04 -9.99
N ARG B 47 -7.31 14.14 -8.91
CA ARG B 47 -7.84 12.97 -8.19
C ARG B 47 -9.34 13.17 -7.96
N GLN B 48 -10.03 12.09 -7.65
CA GLN B 48 -11.47 12.12 -7.43
C GLN B 48 -11.84 11.03 -6.46
N LEU B 49 -12.57 11.41 -5.41
CA LEU B 49 -13.21 10.45 -4.52
C LEU B 49 -14.40 9.86 -5.27
N ILE B 50 -14.41 8.53 -5.38
CA ILE B 50 -15.45 7.79 -6.09
C ILE B 50 -16.30 6.99 -5.11
N LYS B 51 -17.62 7.20 -5.16
CA LYS B 51 -18.57 6.48 -4.33
C LYS B 51 -18.91 5.12 -4.93
N THR B 52 -18.87 4.08 -4.08
CA THR B 52 -19.27 2.72 -4.46
C THR B 52 -20.72 2.44 -4.08
N ASP B 53 -21.23 3.23 -3.13
CA ASP B 53 -22.56 3.05 -2.53
C ASP B 53 -22.69 1.69 -1.81
N ILE B 54 -21.58 1.29 -1.22
CA ILE B 54 -21.44 0.04 -0.48
C ILE B 54 -20.91 0.35 0.92
N SER B 55 -21.57 -0.19 1.93
CA SER B 55 -21.09 -0.12 3.31
C SER B 55 -20.97 -1.55 3.84
N MET B 56 -20.00 -1.78 4.72
CA MET B 56 -19.74 -3.12 5.25
C MET B 56 -19.51 -3.10 6.75
N SER B 57 -19.97 -4.15 7.42
CA SER B 57 -19.49 -4.47 8.75
C SER B 57 -18.22 -5.28 8.57
N MET B 58 -17.09 -4.58 8.62
CA MET B 58 -15.76 -5.15 8.39
C MET B 58 -15.41 -6.26 9.39
N PRO B 59 -14.55 -7.22 8.97
CA PRO B 59 -14.16 -8.31 9.87
C PRO B 59 -13.16 -7.87 10.93
N LYS B 60 -13.02 -8.68 11.98
CA LYS B 60 -12.14 -8.37 13.12
C LYS B 60 -10.66 -8.53 12.79
N PHE B 61 -9.86 -7.61 13.35
CA PHE B 61 -8.40 -7.64 13.24
C PHE B 61 -7.96 -7.54 11.79
N CYS B 62 -8.65 -6.65 11.08
CA CYS B 62 -8.56 -6.51 9.66
C CYS B 62 -8.82 -5.06 9.28
N TYR B 63 -8.24 -4.62 8.18
CA TYR B 63 -8.76 -3.42 7.51
C TYR B 63 -8.85 -3.71 6.03
N GLY B 64 -9.75 -3.01 5.34
CA GLY B 64 -9.89 -3.17 3.90
C GLY B 64 -8.99 -2.17 3.20
N ARG B 65 -8.06 -2.66 2.38
CA ARG B 65 -7.20 -1.79 1.59
C ARG B 65 -7.85 -1.60 0.23
N ILE B 66 -8.11 -0.34 -0.13
CA ILE B 66 -8.41 0.01 -1.52
C ILE B 66 -7.10 -0.10 -2.29
N ALA B 67 -7.02 -1.11 -3.15
CA ALA B 67 -5.84 -1.42 -3.92
C ALA B 67 -6.11 -1.25 -5.42
N PRO B 68 -5.05 -0.95 -6.19
CA PRO B 68 -5.20 -0.71 -7.62
C PRO B 68 -5.47 -1.96 -8.47
N ARG B 69 -6.26 -1.77 -9.53
CA ARG B 69 -6.29 -2.69 -10.65
C ARG B 69 -5.06 -2.46 -11.53
N SER B 70 -4.48 -3.55 -12.00
CA SER B 70 -3.21 -3.53 -12.73
C SER B 70 -3.26 -2.82 -14.08
N GLY B 71 -4.30 -3.10 -14.87
CA GLY B 71 -4.45 -2.48 -16.18
C GLY B 71 -4.60 -0.98 -16.07
N LEU B 72 -5.38 -0.54 -15.10
CA LEU B 72 -5.58 0.88 -14.81
C LEU B 72 -4.29 1.55 -14.38
N SER B 73 -3.48 0.84 -13.59
CA SER B 73 -2.20 1.34 -13.11
C SER B 73 -1.23 1.60 -14.25
N LEU B 74 -1.25 0.70 -15.25
CA LEU B 74 -0.46 0.86 -16.46
C LEU B 74 -0.83 2.13 -17.24
N LYS B 75 -2.11 2.50 -17.17
CA LYS B 75 -2.63 3.73 -17.80
C LYS B 75 -2.34 4.99 -16.98
N GLY B 76 -1.73 4.81 -15.82
CA GLY B 76 -1.38 5.92 -14.95
C GLY B 76 -2.45 6.27 -13.95
N ILE B 77 -3.34 5.31 -13.67
CA ILE B 77 -4.37 5.50 -12.64
C ILE B 77 -3.91 4.89 -11.32
N ASP B 78 -3.79 5.74 -10.30
CA ASP B 78 -3.28 5.30 -8.99
C ASP B 78 -4.35 5.44 -7.91
N ILE B 79 -4.11 4.84 -6.75
CA ILE B 79 -5.05 4.93 -5.62
C ILE B 79 -4.50 5.84 -4.54
N GLY B 80 -5.34 6.78 -4.08
CA GLY B 80 -5.03 7.59 -2.91
C GLY B 80 -5.76 7.11 -1.66
N GLY B 81 -5.33 7.58 -0.50
CA GLY B 81 -5.93 7.15 0.77
C GLY B 81 -6.03 5.63 0.77
N GLY B 82 -7.23 5.12 1.05
CA GLY B 82 -7.52 3.71 0.81
C GLY B 82 -7.53 2.80 2.02
N VAL B 83 -7.48 3.40 3.20
CA VAL B 83 -7.59 2.65 4.45
C VAL B 83 -9.04 2.64 4.94
N ILE B 84 -9.69 1.47 4.86
CA ILE B 84 -11.03 1.29 5.38
C ILE B 84 -10.94 0.61 6.74
N ASP B 85 -11.14 1.39 7.80
CA ASP B 85 -11.03 0.88 9.16
C ASP B 85 -12.08 -0.17 9.44
N GLU B 86 -11.78 -1.02 10.41
CA GLU B 86 -12.68 -2.07 10.86
C GLU B 86 -14.01 -1.51 11.36
N ASP B 87 -13.99 -0.34 11.99
CA ASP B 87 -15.21 0.30 12.48
C ASP B 87 -15.80 1.38 11.56
N TYR B 88 -15.42 1.36 10.29
CA TYR B 88 -16.07 2.21 9.29
C TYR B 88 -17.37 1.57 8.80
N ARG B 89 -18.48 2.31 8.95
CA ARG B 89 -19.80 1.85 8.56
C ARG B 89 -20.42 2.72 7.46
N GLY B 90 -19.61 3.62 6.89
CA GLY B 90 -20.10 4.54 5.88
C GLY B 90 -19.89 4.05 4.46
N ASN B 91 -20.23 4.92 3.51
CA ASN B 91 -20.02 4.72 2.09
C ASN B 91 -18.53 4.54 1.79
N ILE B 92 -18.19 3.46 1.12
CA ILE B 92 -16.81 3.19 0.75
C ILE B 92 -16.44 4.00 -0.49
N GLY B 93 -15.46 4.88 -0.34
CA GLY B 93 -14.98 5.73 -1.42
C GLY B 93 -13.60 5.34 -1.90
N VAL B 94 -13.45 5.27 -3.21
CA VAL B 94 -12.16 5.01 -3.85
C VAL B 94 -11.62 6.35 -4.37
N ILE B 95 -10.39 6.68 -3.98
CA ILE B 95 -9.76 7.89 -4.49
C ILE B 95 -8.89 7.52 -5.69
N LEU B 96 -9.42 7.76 -6.88
CA LEU B 96 -8.66 7.52 -8.11
C LEU B 96 -7.82 8.73 -8.46
N ILE B 97 -6.51 8.52 -8.60
CA ILE B 97 -5.62 9.60 -9.00
C ILE B 97 -5.25 9.41 -10.47
N ASN B 98 -5.62 10.38 -11.30
CA ASN B 98 -5.25 10.32 -12.71
C ASN B 98 -3.87 10.93 -12.95
N ASN B 99 -2.85 10.07 -12.88
CA ASN B 99 -1.48 10.46 -13.23
C ASN B 99 -1.14 10.06 -14.66
N GLY B 100 -2.17 9.97 -15.50
CA GLY B 100 -2.00 9.85 -16.94
C GLY B 100 -1.98 11.22 -17.59
N LYS B 101 -1.94 11.23 -18.93
CA LYS B 101 -1.78 12.45 -19.70
C LYS B 101 -3.07 12.94 -20.35
N CYS B 102 -4.08 12.07 -20.37
CA CYS B 102 -5.39 12.43 -20.91
C CYS B 102 -6.47 12.30 -19.83
N THR B 103 -7.62 12.92 -20.08
CA THR B 103 -8.78 12.79 -19.18
C THR B 103 -9.15 11.31 -18.98
N PHE B 104 -9.52 10.96 -17.75
CA PHE B 104 -9.96 9.61 -17.45
C PHE B 104 -11.43 9.57 -17.07
N ASN B 105 -12.21 8.82 -17.85
CA ASN B 105 -13.65 8.71 -17.65
C ASN B 105 -14.04 7.53 -16.79
N VAL B 106 -14.94 7.77 -15.85
CA VAL B 106 -15.55 6.70 -15.06
C VAL B 106 -17.05 6.67 -15.34
N ASN B 107 -17.53 5.54 -15.83
CA ASN B 107 -18.96 5.31 -16.05
C ASN B 107 -19.55 4.50 -14.91
N THR B 108 -20.81 4.78 -14.57
CA THR B 108 -21.53 4.02 -13.56
C THR B 108 -21.43 2.53 -13.84
N GLY B 109 -20.91 1.79 -12.86
CA GLY B 109 -20.72 0.35 -12.98
C GLY B 109 -19.30 -0.07 -13.32
N ASP B 110 -18.43 0.90 -13.63
CA ASP B 110 -17.06 0.59 -14.04
C ASP B 110 -16.28 0.03 -12.86
N ARG B 111 -15.45 -0.98 -13.15
CA ARG B 111 -14.55 -1.55 -12.16
C ARG B 111 -13.36 -0.61 -12.01
N ILE B 112 -13.11 -0.16 -10.79
CA ILE B 112 -12.17 0.93 -10.52
C ILE B 112 -11.09 0.59 -9.50
N ALA B 113 -11.33 -0.46 -8.71
CA ALA B 113 -10.40 -0.87 -7.66
C ALA B 113 -10.73 -2.25 -7.14
N GLN B 114 -9.92 -2.73 -6.20
CA GLN B 114 -10.22 -3.96 -5.49
C GLN B 114 -10.02 -3.78 -3.99
N LEU B 115 -10.85 -4.47 -3.22
CA LEU B 115 -10.80 -4.40 -1.78
C LEU B 115 -10.18 -5.67 -1.24
N ILE B 116 -9.06 -5.51 -0.52
CA ILE B 116 -8.32 -6.60 0.08
C ILE B 116 -8.45 -6.52 1.60
N TYR B 117 -8.94 -7.61 2.20
CA TYR B 117 -9.09 -7.72 3.65
C TYR B 117 -7.77 -8.16 4.27
N GLN B 118 -7.04 -7.17 4.80
CA GLN B 118 -5.66 -7.36 5.24
C GLN B 118 -5.57 -7.57 6.75
N ARG B 119 -4.98 -8.69 7.15
CA ARG B 119 -4.91 -9.08 8.55
C ARG B 119 -3.88 -8.22 9.28
N ILE B 120 -4.32 -7.65 10.41
CA ILE B 120 -3.48 -6.72 11.17
C ILE B 120 -3.47 -7.03 12.66
N TYR B 121 -2.49 -6.43 13.33
CA TYR B 121 -2.25 -6.62 14.75
C TYR B 121 -2.64 -5.31 15.43
N TYR B 122 -3.19 -5.42 16.63
CA TYR B 122 -3.51 -4.25 17.43
C TYR B 122 -2.74 -4.33 18.75
N PRO B 123 -1.42 -4.07 18.71
CA PRO B 123 -0.67 -4.22 19.95
C PRO B 123 -0.76 -3.00 20.86
N GLU B 124 -0.47 -3.20 22.13
CA GLU B 124 -0.32 -2.11 23.09
C GLU B 124 0.98 -1.37 22.79
N LEU B 125 1.03 -0.10 23.20
CA LEU B 125 2.24 0.69 23.10
C LEU B 125 2.70 1.15 24.48
N GLU B 126 3.98 0.96 24.78
CA GLU B 126 4.54 1.46 26.03
C GLU B 126 5.87 2.19 25.84
N GLU B 127 5.92 3.43 26.32
CA GLU B 127 7.10 4.26 26.21
C GLU B 127 8.17 3.79 27.18
N VAL B 128 9.40 3.65 26.67
CA VAL B 128 10.56 3.31 27.48
C VAL B 128 11.70 4.30 27.22
N GLN B 129 12.76 4.20 28.02
CA GLN B 129 13.93 5.06 27.86
C GLN B 129 14.87 4.50 26.79
N SER B 130 14.89 3.17 26.68
CA SER B 130 15.77 2.46 25.76
C SER B 130 15.16 1.12 25.35
N LEU B 131 15.28 0.80 24.05
CA LEU B 131 14.68 -0.42 23.50
C LEU B 131 15.52 -1.68 23.78
N ASN C 7 4.81 -22.08 6.36
CA ASN C 7 5.09 -23.53 6.60
C ASN C 7 6.03 -24.18 5.57
N SER C 8 5.53 -24.41 4.36
CA SER C 8 6.31 -25.01 3.27
C SER C 8 6.89 -23.90 2.37
N PRO C 9 7.96 -24.22 1.60
CA PRO C 9 8.62 -23.19 0.80
C PRO C 9 7.76 -22.66 -0.35
N VAL C 10 8.00 -21.41 -0.73
CA VAL C 10 7.39 -20.85 -1.94
C VAL C 10 8.25 -21.21 -3.15
N ARG C 11 7.63 -21.91 -4.10
CA ARG C 11 8.31 -22.34 -5.31
C ARG C 11 8.29 -21.21 -6.34
N PHE C 12 9.44 -20.92 -6.93
CA PHE C 12 9.55 -19.91 -7.98
C PHE C 12 10.32 -20.43 -9.19
N VAL C 13 10.14 -19.77 -10.33
CA VAL C 13 10.80 -20.14 -11.56
C VAL C 13 11.52 -18.93 -12.16
N LYS C 14 12.75 -19.14 -12.63
CA LYS C 14 13.47 -18.14 -13.40
C LYS C 14 13.15 -18.38 -14.87
N GLU C 15 12.41 -17.44 -15.46
CA GLU C 15 11.95 -17.59 -16.84
C GLU C 15 13.10 -17.50 -17.83
N THR C 16 14.12 -16.71 -17.47
CA THR C 16 15.37 -16.65 -18.23
C THR C 16 16.54 -16.65 -17.24
N ASN C 17 17.75 -16.73 -17.75
CA ASN C 17 18.96 -16.59 -16.93
C ASN C 17 19.17 -15.18 -16.36
N ARG C 18 18.33 -14.24 -16.78
CA ARG C 18 18.42 -12.84 -16.33
C ARG C 18 17.71 -12.59 -15.00
N ALA C 19 16.79 -13.48 -14.65
CA ALA C 19 16.07 -13.41 -13.38
C ALA C 19 17.01 -13.64 -12.20
N LYS C 20 16.74 -12.97 -11.09
CA LYS C 20 17.52 -13.15 -9.87
C LYS C 20 16.58 -13.56 -8.76
N SER C 21 16.98 -14.56 -7.98
CA SER C 21 16.19 -15.07 -6.85
C SER C 21 15.80 -13.94 -5.90
N PRO C 22 14.50 -13.86 -5.56
CA PRO C 22 14.11 -12.91 -4.51
C PRO C 22 14.75 -13.28 -3.18
N THR C 23 15.41 -12.30 -2.57
CA THR C 23 16.18 -12.50 -1.35
C THR C 23 15.69 -11.53 -0.29
N ARG C 24 15.65 -11.98 0.96
CA ARG C 24 15.44 -11.10 2.10
C ARG C 24 16.79 -10.67 2.64
N GLN C 25 16.95 -9.37 2.84
CA GLN C 25 18.23 -8.79 3.23
C GLN C 25 18.62 -9.17 4.66
N SER C 26 17.63 -9.39 5.51
CA SER C 26 17.82 -9.79 6.91
C SER C 26 16.59 -10.55 7.42
N PRO C 27 16.76 -11.33 8.51
CA PRO C 27 15.62 -12.06 9.10
C PRO C 27 14.52 -11.19 9.69
N GLY C 28 14.79 -9.89 9.88
CA GLY C 28 13.77 -8.94 10.29
C GLY C 28 13.30 -8.00 9.17
N ALA C 29 13.67 -8.32 7.94
CA ALA C 29 13.24 -7.54 6.78
C ALA C 29 11.84 -7.96 6.36
N ALA C 30 11.00 -6.97 6.02
CA ALA C 30 9.62 -7.19 5.62
C ALA C 30 9.48 -7.91 4.27
N GLY C 31 10.34 -7.55 3.32
CA GLY C 31 10.18 -7.99 1.95
C GLY C 31 11.37 -8.70 1.31
N TYR C 32 11.09 -9.24 0.13
CA TYR C 32 12.06 -9.97 -0.69
C TYR C 32 12.41 -9.09 -1.90
N ASP C 33 13.72 -8.84 -2.07
CA ASP C 33 14.22 -8.00 -3.17
C ASP C 33 13.76 -8.48 -4.54
N LEU C 34 13.21 -7.57 -5.32
CA LEU C 34 12.91 -7.82 -6.73
C LEU C 34 13.89 -7.05 -7.60
N TYR C 35 14.42 -7.72 -8.61
CA TYR C 35 15.47 -7.17 -9.46
C TYR C 35 15.02 -7.07 -10.91
N SER C 36 15.49 -6.02 -11.59
CA SER C 36 15.23 -5.85 -13.01
C SER C 36 15.98 -6.91 -13.81
N ALA C 37 15.28 -7.51 -14.78
CA ALA C 37 15.89 -8.50 -15.65
C ALA C 37 16.34 -7.87 -16.96
N TYR C 38 16.03 -6.58 -17.14
CA TYR C 38 16.33 -5.89 -18.39
C TYR C 38 16.78 -4.44 -18.15
N ASP C 39 17.19 -3.78 -19.23
CA ASP C 39 17.67 -2.40 -19.16
C ASP C 39 16.59 -1.44 -19.60
N TYR C 40 16.32 -0.45 -18.75
CA TYR C 40 15.28 0.53 -19.04
C TYR C 40 15.74 1.95 -18.76
N THR C 41 15.10 2.88 -19.46
CA THR C 41 15.19 4.29 -19.17
C THR C 41 13.78 4.80 -18.92
N ILE C 42 13.57 5.44 -17.77
CA ILE C 42 12.28 6.03 -17.42
C ILE C 42 12.42 7.55 -17.32
N PRO C 43 11.81 8.29 -18.27
CA PRO C 43 11.79 9.75 -18.21
C PRO C 43 10.96 10.30 -17.04
N PRO C 44 11.20 11.56 -16.63
CA PRO C 44 10.39 12.17 -15.58
C PRO C 44 8.92 12.23 -15.99
N GLY C 45 8.03 11.99 -15.03
CA GLY C 45 6.58 12.00 -15.29
C GLY C 45 6.05 10.75 -15.99
N GLU C 46 6.88 9.71 -16.09
CA GLU C 46 6.51 8.47 -16.78
C GLU C 46 6.63 7.25 -15.85
N ARG C 47 5.97 6.16 -16.25
CA ARG C 47 6.08 4.88 -15.56
C ARG C 47 6.54 3.76 -16.50
N GLN C 48 7.11 2.70 -15.94
CA GLN C 48 7.56 1.56 -16.74
C GLN C 48 7.28 0.23 -16.05
N LEU C 49 6.68 -0.69 -16.80
CA LEU C 49 6.57 -2.08 -16.38
C LEU C 49 7.93 -2.74 -16.51
N ILE C 50 8.51 -3.05 -15.35
CA ILE C 50 9.82 -3.68 -15.27
C ILE C 50 9.61 -5.19 -15.08
N LYS C 51 10.19 -5.97 -15.99
CA LYS C 51 10.14 -7.43 -15.91
C LYS C 51 11.20 -7.95 -14.94
N THR C 52 10.77 -8.87 -14.07
CA THR C 52 11.67 -9.54 -13.12
C THR C 52 12.13 -10.88 -13.69
N ASP C 53 11.34 -11.40 -14.63
CA ASP C 53 11.48 -12.76 -15.18
C ASP C 53 11.33 -13.85 -14.12
N ILE C 54 10.70 -13.49 -13.01
CA ILE C 54 10.39 -14.44 -11.93
C ILE C 54 8.89 -14.68 -11.91
N SER C 55 8.50 -15.95 -11.87
CA SER C 55 7.12 -16.34 -11.55
C SER C 55 7.15 -17.23 -10.31
N MET C 56 6.09 -17.22 -9.53
CA MET C 56 6.03 -18.04 -8.32
C MET C 56 4.64 -18.55 -8.04
N SER C 57 4.60 -19.70 -7.37
CA SER C 57 3.35 -20.25 -6.85
C SER C 57 3.20 -19.71 -5.44
N MET C 58 2.30 -18.75 -5.31
CA MET C 58 2.15 -17.93 -4.12
C MET C 58 1.57 -18.70 -2.95
N PRO C 59 1.87 -18.27 -1.70
CA PRO C 59 1.31 -18.98 -0.55
C PRO C 59 -0.18 -18.74 -0.37
N LYS C 60 -0.85 -19.66 0.33
CA LYS C 60 -2.30 -19.60 0.51
C LYS C 60 -2.71 -18.51 1.50
N PHE C 61 -3.87 -17.91 1.25
CA PHE C 61 -4.45 -16.85 2.10
C PHE C 61 -3.48 -15.69 2.28
N CYS C 62 -2.87 -15.30 1.16
CA CYS C 62 -1.79 -14.33 1.10
C CYS C 62 -1.84 -13.66 -0.27
N TYR C 63 -1.32 -12.43 -0.37
CA TYR C 63 -0.95 -11.87 -1.66
C TYR C 63 0.43 -11.26 -1.56
N GLY C 64 1.11 -11.13 -2.69
CA GLY C 64 2.39 -10.46 -2.72
C GLY C 64 2.22 -8.99 -3.04
N ARG C 65 2.60 -8.12 -2.10
CA ARG C 65 2.62 -6.69 -2.34
C ARG C 65 3.95 -6.26 -2.89
N ILE C 66 3.94 -5.71 -4.11
CA ILE C 66 5.12 -5.01 -4.62
C ILE C 66 5.20 -3.64 -3.92
N ALA C 67 6.17 -3.54 -3.02
CA ALA C 67 6.36 -2.37 -2.17
C ALA C 67 7.63 -1.61 -2.55
N PRO C 68 7.66 -0.30 -2.28
CA PRO C 68 8.83 0.50 -2.64
C PRO C 68 10.03 0.33 -1.72
N ARG C 69 11.22 0.52 -2.28
CA ARG C 69 12.43 0.71 -1.48
C ARG C 69 12.43 2.13 -0.94
N SER C 70 12.99 2.32 0.26
CA SER C 70 13.06 3.65 0.89
C SER C 70 13.89 4.64 0.07
N GLY C 71 15.10 4.23 -0.30
CA GLY C 71 16.02 5.06 -1.08
C GLY C 71 15.48 5.56 -2.40
N LEU C 72 14.79 4.69 -3.15
CA LEU C 72 14.19 5.10 -4.41
C LEU C 72 13.00 6.05 -4.18
N SER C 73 12.22 5.82 -3.12
CA SER C 73 11.09 6.69 -2.75
C SER C 73 11.53 8.13 -2.45
N LEU C 74 12.67 8.26 -1.78
CA LEU C 74 13.26 9.56 -1.47
C LEU C 74 13.76 10.26 -2.72
N LYS C 75 14.11 9.48 -3.74
CA LYS C 75 14.55 9.98 -5.04
C LYS C 75 13.37 10.32 -5.96
N GLY C 76 12.17 9.95 -5.55
CA GLY C 76 10.96 10.24 -6.31
C GLY C 76 10.39 9.03 -7.03
N ILE C 77 10.95 7.85 -6.78
CA ILE C 77 10.50 6.64 -7.44
C ILE C 77 9.42 5.94 -6.62
N ASP C 78 8.22 5.87 -7.18
CA ASP C 78 7.06 5.29 -6.52
C ASP C 78 6.60 4.00 -7.23
N ILE C 79 5.68 3.28 -6.60
CA ILE C 79 5.22 1.99 -7.15
C ILE C 79 3.75 2.05 -7.55
N GLY C 80 3.46 1.61 -8.78
CA GLY C 80 2.08 1.46 -9.27
C GLY C 80 1.61 0.02 -9.17
N GLY C 81 0.29 -0.18 -9.19
CA GLY C 81 -0.29 -1.51 -9.06
C GLY C 81 0.21 -2.20 -7.80
N GLY C 82 0.76 -3.40 -7.96
CA GLY C 82 1.53 -4.04 -6.91
C GLY C 82 0.85 -5.24 -6.27
N VAL C 83 -0.32 -5.62 -6.78
CA VAL C 83 -1.08 -6.73 -6.20
C VAL C 83 -0.83 -8.02 -7.00
N ILE C 84 -0.04 -8.92 -6.42
CA ILE C 84 0.26 -10.23 -7.00
C ILE C 84 -0.63 -11.27 -6.35
N ASP C 85 -1.65 -11.69 -7.09
CA ASP C 85 -2.67 -12.59 -6.56
C ASP C 85 -2.07 -13.96 -6.25
N GLU C 86 -2.65 -14.65 -5.28
CA GLU C 86 -2.24 -16.02 -4.91
C GLU C 86 -2.26 -17.00 -6.10
N ASP C 87 -3.22 -16.85 -7.01
CA ASP C 87 -3.28 -17.74 -8.18
C ASP C 87 -2.55 -17.23 -9.43
N TYR C 88 -1.76 -16.17 -9.29
CA TYR C 88 -1.02 -15.64 -10.44
C TYR C 88 0.19 -16.50 -10.75
N ARG C 89 0.27 -16.99 -11.99
CA ARG C 89 1.34 -17.90 -12.39
C ARG C 89 2.28 -17.32 -13.44
N GLY C 90 2.08 -16.06 -13.80
CA GLY C 90 2.87 -15.41 -14.83
C GLY C 90 4.08 -14.66 -14.29
N ASN C 91 4.77 -13.96 -15.19
CA ASN C 91 5.94 -13.12 -14.89
C ASN C 91 5.54 -11.97 -13.98
N ILE C 92 6.24 -11.82 -12.85
CA ILE C 92 5.98 -10.70 -11.94
C ILE C 92 6.60 -9.42 -12.51
N GLY C 93 5.75 -8.42 -12.71
CA GLY C 93 6.19 -7.12 -13.22
C GLY C 93 6.06 -6.04 -12.19
N VAL C 94 6.93 -5.04 -12.28
CA VAL C 94 6.97 -3.94 -11.32
C VAL C 94 6.72 -2.65 -12.08
N ILE C 95 5.67 -1.93 -11.69
CA ILE C 95 5.41 -0.63 -12.30
C ILE C 95 6.18 0.42 -11.48
N LEU C 96 7.29 0.89 -12.05
CA LEU C 96 8.07 1.96 -11.43
C LEU C 96 7.62 3.30 -11.99
N ILE C 97 7.28 4.22 -11.10
CA ILE C 97 6.85 5.54 -11.51
C ILE C 97 7.96 6.55 -11.20
N ASN C 98 8.43 7.24 -12.24
CA ASN C 98 9.43 8.30 -12.07
C ASN C 98 8.77 9.64 -11.79
N ASN C 99 8.66 9.96 -10.50
CA ASN C 99 8.14 11.26 -10.09
C ASN C 99 9.26 12.21 -9.68
N GLY C 100 10.49 11.85 -10.04
CA GLY C 100 11.66 12.71 -9.89
C GLY C 100 11.75 13.70 -11.05
N LYS C 101 12.73 14.59 -10.98
CA LYS C 101 12.86 15.66 -11.97
C LYS C 101 13.71 15.25 -13.17
N CYS C 102 14.49 14.18 -12.99
CA CYS C 102 15.43 13.72 -14.00
C CYS C 102 15.11 12.30 -14.45
N THR C 103 15.75 11.87 -15.55
CA THR C 103 15.60 10.52 -16.08
C THR C 103 16.14 9.49 -15.09
N PHE C 104 15.38 8.41 -14.90
CA PHE C 104 15.78 7.32 -14.02
C PHE C 104 16.18 6.11 -14.85
N ASN C 105 17.42 5.67 -14.67
CA ASN C 105 17.95 4.53 -15.40
C ASN C 105 17.78 3.25 -14.60
N VAL C 106 17.30 2.21 -15.27
CA VAL C 106 17.21 0.88 -14.67
C VAL C 106 18.14 -0.06 -15.42
N ASN C 107 19.10 -0.62 -14.70
CA ASN C 107 20.02 -1.62 -15.25
C ASN C 107 19.60 -3.02 -14.86
N THR C 108 19.97 -4.01 -15.68
CA THR C 108 19.79 -5.41 -15.32
C THR C 108 20.45 -5.67 -13.99
N GLY C 109 19.72 -6.29 -13.07
CA GLY C 109 20.25 -6.66 -11.77
C GLY C 109 19.96 -5.66 -10.68
N ASP C 110 19.54 -4.46 -11.07
CA ASP C 110 19.19 -3.41 -10.11
C ASP C 110 17.98 -3.82 -9.28
N ARG C 111 18.04 -3.56 -7.98
CA ARG C 111 16.88 -3.85 -7.14
C ARG C 111 15.90 -2.71 -7.20
N ILE C 112 14.65 -3.04 -7.51
CA ILE C 112 13.66 -2.05 -7.95
C ILE C 112 12.49 -1.93 -6.99
N ALA C 113 12.31 -2.97 -6.17
CA ALA C 113 11.16 -3.06 -5.27
C ALA C 113 11.36 -4.20 -4.27
N GLN C 114 10.41 -4.35 -3.36
CA GLN C 114 10.42 -5.50 -2.45
C GLN C 114 9.08 -6.19 -2.43
N LEU C 115 9.09 -7.53 -2.44
CA LEU C 115 7.85 -8.30 -2.34
C LEU C 115 7.56 -8.67 -0.88
N ILE C 116 6.39 -8.25 -0.41
CA ILE C 116 5.89 -8.57 0.92
C ILE C 116 4.72 -9.53 0.79
N TYR C 117 4.84 -10.66 1.49
CA TYR C 117 3.79 -11.66 1.52
C TYR C 117 2.79 -11.28 2.60
N GLN C 118 1.74 -10.57 2.20
CA GLN C 118 0.80 -9.99 3.14
C GLN C 118 -0.39 -10.92 3.41
N ARG C 119 -0.62 -11.23 4.69
CA ARG C 119 -1.69 -12.15 5.07
C ARG C 119 -3.07 -11.50 4.98
N ILE C 120 -4.02 -12.21 4.38
CA ILE C 120 -5.34 -11.67 4.06
C ILE C 120 -6.48 -12.64 4.38
N TYR C 121 -7.71 -12.13 4.34
CA TYR C 121 -8.90 -12.96 4.51
C TYR C 121 -9.72 -13.04 3.23
N TYR C 122 -10.40 -14.16 3.05
CA TYR C 122 -11.36 -14.30 1.96
C TYR C 122 -12.75 -14.60 2.52
N PRO C 123 -13.39 -13.61 3.17
CA PRO C 123 -14.70 -13.90 3.75
C PRO C 123 -15.80 -13.98 2.68
N GLU C 124 -16.91 -14.60 3.05
CA GLU C 124 -18.09 -14.62 2.20
C GLU C 124 -18.81 -13.29 2.39
N LEU C 125 -19.29 -12.71 1.31
CA LEU C 125 -20.05 -11.46 1.41
C LEU C 125 -21.55 -11.72 1.37
N GLU C 126 -22.27 -11.13 2.33
CA GLU C 126 -23.73 -11.27 2.39
C GLU C 126 -24.42 -9.90 2.35
N GLU C 127 -25.34 -9.74 1.41
CA GLU C 127 -26.06 -8.47 1.26
C GLU C 127 -27.22 -8.38 2.23
N VAL C 128 -27.17 -7.39 3.11
CA VAL C 128 -28.22 -7.16 4.09
C VAL C 128 -28.91 -5.82 3.83
N GLN C 129 -30.02 -5.58 4.54
CA GLN C 129 -30.79 -4.35 4.41
C GLN C 129 -30.29 -3.26 5.37
N SER C 130 -29.73 -3.69 6.49
CA SER C 130 -29.20 -2.79 7.53
C SER C 130 -28.02 -3.43 8.27
N LEU C 131 -27.13 -2.59 8.79
CA LEU C 131 -25.97 -3.07 9.56
C LEU C 131 -26.16 -2.89 11.08
CL CL D . -0.60 -2.82 2.10
MG MG E . -8.56 -8.87 -11.82
N1 DUD F . -12.25 6.11 3.63
C2 DUD F . -12.78 5.71 2.38
N3 DUD F . -11.99 5.70 1.29
C4 DUD F . -10.70 6.06 1.36
C5 DUD F . -10.15 6.45 2.58
C6 DUD F . -10.95 6.47 3.71
O2 DUD F . -13.97 5.37 2.26
O4 DUD F . -10.01 6.04 0.32
C1' DUD F . -13.13 6.08 4.82
C2' DUD F . -12.85 4.81 5.60
C3' DUD F . -12.12 5.29 6.83
C4' DUD F . -12.61 6.72 7.02
O4' DUD F . -12.95 7.20 5.71
O3' DUD F . -12.40 4.47 7.96
C5' DUD F . -11.54 7.58 7.66
O5' DUD F . -11.91 8.96 7.60
PA DUD F . -11.40 10.00 8.72
O1A DUD F . -12.54 10.97 8.96
O2A DUD F . -10.85 9.22 9.89
O3A DUD F . -10.22 10.81 7.97
PB DUD F . -8.68 10.85 8.47
O1B DUD F . -8.76 11.06 9.96
O2B DUD F . -8.10 12.04 7.73
O3B DUD F . -8.13 9.49 8.07
C1 EDO G . 2.05 -7.43 -15.50
O1 EDO G . 3.27 -7.72 -14.81
C2 EDO G . 1.43 -6.17 -14.93
O2 EDO G . 0.00 -6.29 -15.05
N1 DUD H . 11.75 3.81 6.65
C2 DUD H . 11.07 4.93 7.17
N3 DUD H . 10.14 5.54 6.42
C4 DUD H . 9.83 5.11 5.19
C5 DUD H . 10.47 4.01 4.64
C6 DUD H . 11.44 3.36 5.41
O2 DUD H . 11.31 5.36 8.32
O4 DUD H . 8.96 5.72 4.52
C1' DUD H . 12.77 3.11 7.47
C2' DUD H . 12.27 1.73 7.89
C3' DUD H . 13.08 0.78 7.02
C4' DUD H . 14.33 1.55 6.65
O4' DUD H . 13.96 2.93 6.72
O3' DUD H . 13.40 -0.43 7.71
C5' DUD H . 14.85 1.21 5.27
O5' DUD H . 16.15 1.80 5.09
PA DUD H . 17.25 1.24 4.03
O1A DUD H . 17.74 2.42 3.25
O2A DUD H . 18.27 0.45 4.82
O3A DUD H . 16.42 0.21 3.10
PB DUD H . 16.05 0.38 1.52
O1B DUD H . 16.33 1.79 1.12
O2B DUD H . 14.58 -0.03 1.51
O3B DUD H . 16.94 -0.62 0.82
N1 DUD I . 0.69 -7.89 -11.72
C2 DUD I . 2.07 -7.63 -11.79
N3 DUD I . 2.55 -6.44 -11.40
C4 DUD I . 1.72 -5.46 -10.94
C5 DUD I . 0.36 -5.69 -10.85
C6 DUD I . -0.14 -6.93 -11.26
O2 DUD I . 2.86 -8.52 -12.22
O4 DUD I . 2.20 -4.36 -10.58
C1' DUD I . 0.19 -9.20 -12.14
C2' DUD I . -0.11 -10.03 -10.89
C3' DUD I . -1.63 -10.05 -10.79
C4' DUD I . -2.07 -9.87 -12.23
O4' DUD I . -1.03 -9.12 -12.88
O3' DUD I . -2.13 -11.26 -10.19
C5' DUD I . -3.40 -9.13 -12.30
O5' DUD I . -3.84 -9.12 -13.65
PA DUD I . -5.40 -8.95 -14.03
O1A DUD I . -5.56 -9.50 -15.42
O2A DUD I . -6.25 -9.49 -12.90
O3A DUD I . -5.52 -7.35 -14.17
PB DUD I . -6.50 -6.37 -13.32
O1B DUD I . -7.79 -7.13 -13.12
O2B DUD I . -6.61 -5.16 -14.23
O3B DUD I . -5.74 -6.11 -12.03
C1 EDO J . -4.94 -13.70 -11.75
O1 EDO J . -4.09 -13.10 -12.74
C2 EDO J . -5.95 -12.68 -11.25
O2 EDO J . -6.69 -13.23 -10.16
C1 EDO K . -0.23 -7.58 5.85
O1 EDO K . 0.32 -6.58 4.99
C2 EDO K . -1.74 -7.46 5.87
O2 EDO K . -2.20 -7.67 4.53
#